data_8CHX
#
_entry.id   8CHX
#
_cell.length_a   46.485
_cell.length_b   91.394
_cell.length_c   48.459
_cell.angle_alpha   90.000
_cell.angle_beta   90.040
_cell.angle_gamma   90.000
#
_symmetry.space_group_name_H-M   'P 1 21 1'
#
loop_
_entity.id
_entity.type
_entity.pdbx_description
1 polymer 'Outer-membrane lipoprotein carrier protein'
2 non-polymer 'ZINC ION'
3 water water
#
_entity_poly.entity_id   1
_entity_poly.type   'polypeptide(L)'
_entity_poly.pdbx_seq_one_letter_code
;MKHHHHHHPMSDYDIPTTENLYFQGAMAPKDTLSERLAMSEGFSATFNQQVLSPEGKVILTGNGKVDIARPSLFRWETET
PDENLLVSDGTTLWHFDPFVEQVTLYRAEEALEQTPFVLLTRNKASDWDAYHVEEKGDVFTLTPTALDSNQGRFQITISE
KGVVQGFKVIEQDGQQSEFTFSKVKQQKPNASVFNYKVPKGVEVDDQRN
;
_entity_poly.pdbx_strand_id   A,B
#
# COMPACT_ATOMS: atom_id res chain seq x y z
N GLY A 25 -2.62 -24.35 8.32
CA GLY A 25 -2.06 -23.27 7.51
C GLY A 25 -0.64 -22.96 7.91
N ALA A 26 -0.48 -22.30 9.05
CA ALA A 26 0.84 -21.85 9.50
C ALA A 26 1.75 -22.97 9.96
N MET A 27 1.22 -24.18 10.18
CA MET A 27 2.04 -25.32 10.55
C MET A 27 2.70 -25.99 9.35
N ALA A 28 2.39 -25.55 8.13
CA ALA A 28 3.03 -26.06 6.92
C ALA A 28 3.25 -24.88 5.99
N PRO A 29 4.17 -23.97 6.35
CA PRO A 29 4.25 -22.71 5.59
C PRO A 29 4.61 -22.89 4.12
N LYS A 30 5.62 -23.69 3.80
CA LYS A 30 6.01 -23.81 2.39
C LYS A 30 4.94 -24.52 1.59
N ASP A 31 4.30 -25.55 2.18
CA ASP A 31 3.23 -26.25 1.48
C ASP A 31 2.05 -25.33 1.21
N THR A 32 1.67 -24.53 2.22
CA THR A 32 0.58 -23.58 2.02
C THR A 32 0.95 -22.50 1.01
N LEU A 33 2.17 -21.95 1.10
CA LEU A 33 2.57 -20.94 0.13
C LEU A 33 2.58 -21.53 -1.28
N SER A 34 3.07 -22.75 -1.41
CA SER A 34 3.09 -23.43 -2.71
C SER A 34 1.68 -23.71 -3.22
N GLU A 35 0.79 -24.22 -2.34
CA GLU A 35 -0.56 -24.55 -2.76
C GLU A 35 -1.32 -23.32 -3.23
N ARG A 36 -1.08 -22.18 -2.59
CA ARG A 36 -1.78 -20.96 -2.97
C ARG A 36 -1.28 -20.43 -4.31
N LEU A 37 0.04 -20.51 -4.56
CA LEU A 37 0.57 -20.07 -5.85
C LEU A 37 0.08 -20.98 -6.97
N ALA A 38 -0.09 -22.26 -6.68
CA ALA A 38 -0.58 -23.23 -7.65
C ALA A 38 -2.06 -23.08 -7.96
N MET A 39 -2.80 -22.23 -7.23
CA MET A 39 -4.23 -22.16 -7.48
C MET A 39 -4.56 -21.57 -8.84
N SER A 40 -3.72 -20.69 -9.37
CA SER A 40 -3.90 -20.14 -10.72
C SER A 40 -2.59 -20.37 -11.48
N GLU A 41 -2.71 -20.71 -12.77
CA GLU A 41 -1.53 -20.89 -13.59
C GLU A 41 -0.88 -19.55 -13.95
N GLY A 42 -1.51 -18.43 -13.63
CA GLY A 42 -0.86 -17.14 -13.84
C GLY A 42 -1.80 -15.99 -13.53
N PHE A 43 -1.31 -14.78 -13.79
CA PHE A 43 -2.12 -13.59 -13.62
C PHE A 43 -1.43 -12.42 -14.33
N SER A 44 -2.19 -11.32 -14.46
CA SER A 44 -1.73 -10.04 -14.99
C SER A 44 -2.26 -8.96 -14.06
N ALA A 45 -1.50 -7.88 -13.89
CA ALA A 45 -1.91 -6.86 -12.93
C ALA A 45 -1.09 -5.61 -13.16
N THR A 46 -1.62 -4.50 -12.68
CA THR A 46 -0.81 -3.31 -12.50
C THR A 46 -0.12 -3.39 -11.13
N PHE A 47 0.98 -2.67 -10.99
CA PHE A 47 1.68 -2.67 -9.70
C PHE A 47 2.13 -1.27 -9.38
N ASN A 48 2.17 -0.96 -8.07
CA ASN A 48 2.78 0.28 -7.61
C ASN A 48 3.83 -0.08 -6.58
N GLN A 49 4.92 0.69 -6.58
CA GLN A 49 6.07 0.44 -5.72
C GLN A 49 6.30 1.62 -4.78
N GLN A 50 6.61 1.29 -3.54
CA GLN A 50 7.13 2.26 -2.59
C GLN A 50 8.37 1.68 -1.97
N VAL A 51 9.45 2.46 -1.94
CA VAL A 51 10.62 2.11 -1.14
C VAL A 51 10.59 2.93 0.16
N LEU A 52 10.70 2.24 1.29
CA LEU A 52 10.75 2.86 2.61
C LEU A 52 12.16 2.83 3.14
N SER A 53 12.63 3.96 3.67
CA SER A 53 13.92 4.05 4.34
C SER A 53 13.94 3.21 5.62
N PRO A 54 15.10 2.96 6.22
CA PRO A 54 15.12 2.30 7.53
C PRO A 54 14.35 3.05 8.61
N GLU A 55 14.12 4.36 8.46
CA GLU A 55 13.30 5.10 9.40
C GLU A 55 11.83 5.16 9.00
N GLY A 56 11.46 4.50 7.89
CA GLY A 56 10.08 4.25 7.57
C GLY A 56 9.39 5.28 6.71
N LYS A 57 10.13 6.16 6.05
CA LYS A 57 9.53 7.17 5.20
C LYS A 57 9.69 6.76 3.74
N VAL A 58 8.79 7.24 2.90
CA VAL A 58 8.86 6.91 1.48
C VAL A 58 9.97 7.72 0.82
N ILE A 59 10.90 7.02 0.17
CA ILE A 59 12.00 7.68 -0.52
C ILE A 59 11.97 7.49 -2.03
N LEU A 60 11.09 6.64 -2.55
CA LEU A 60 11.01 6.39 -3.98
C LEU A 60 9.65 5.77 -4.26
N THR A 61 9.07 6.11 -5.43
CA THR A 61 7.86 5.46 -5.91
C THR A 61 8.08 4.98 -7.34
N GLY A 62 7.22 4.07 -7.76
CA GLY A 62 7.24 3.55 -9.12
C GLY A 62 5.94 2.86 -9.47
N ASN A 63 5.82 2.48 -10.74
CA ASN A 63 4.65 1.75 -11.18
C ASN A 63 4.99 1.01 -12.45
N GLY A 64 4.12 0.07 -12.79
CA GLY A 64 4.20 -0.63 -14.06
C GLY A 64 3.16 -1.71 -14.15
N LYS A 65 3.44 -2.77 -14.90
CA LYS A 65 2.49 -3.87 -15.04
C LYS A 65 3.29 -5.16 -15.17
N VAL A 66 2.62 -6.27 -14.85
CA VAL A 66 3.23 -7.59 -14.81
C VAL A 66 2.29 -8.63 -15.44
N ASP A 67 2.88 -9.57 -16.18
CA ASP A 67 2.26 -10.83 -16.59
C ASP A 67 3.10 -11.97 -16.05
N ILE A 68 2.45 -12.98 -15.46
CA ILE A 68 3.16 -14.12 -14.88
C ILE A 68 2.44 -15.40 -15.31
N ALA A 69 3.21 -16.37 -15.76
CA ALA A 69 2.69 -17.69 -16.06
C ALA A 69 3.57 -18.73 -15.38
N ARG A 70 2.96 -19.70 -14.70
CA ARG A 70 3.69 -20.62 -13.84
C ARG A 70 3.80 -21.97 -14.51
N PRO A 71 5.02 -22.55 -14.55
CA PRO A 71 6.19 -21.97 -13.88
C PRO A 71 7.06 -21.10 -14.78
N SER A 72 7.84 -20.19 -14.16
CA SER A 72 9.06 -19.56 -14.67
C SER A 72 8.84 -18.38 -15.63
N LEU A 73 7.64 -18.15 -16.15
CA LEU A 73 7.42 -17.11 -17.16
C LEU A 73 7.02 -15.80 -16.49
N PHE A 74 7.72 -14.71 -16.82
CA PHE A 74 7.32 -13.41 -16.29
C PHE A 74 7.70 -12.31 -17.26
N ARG A 75 6.91 -11.24 -17.20
CA ARG A 75 7.14 -10.01 -17.98
C ARG A 75 6.84 -8.85 -17.03
N TRP A 76 7.90 -8.18 -16.57
CA TRP A 76 7.81 -7.10 -15.59
C TRP A 76 8.14 -5.80 -16.31
N GLU A 77 7.13 -5.01 -16.60
CA GLU A 77 7.29 -3.79 -17.38
C GLU A 77 7.21 -2.61 -16.43
N THR A 78 8.31 -1.88 -16.28
CA THR A 78 8.40 -0.76 -15.35
C THR A 78 8.24 0.55 -16.10
N GLU A 79 7.38 1.44 -15.57
CA GLU A 79 7.25 2.79 -16.11
C GLU A 79 8.05 3.82 -15.32
N THR A 80 7.95 3.78 -14.00
CA THR A 80 8.76 4.61 -13.12
C THR A 80 9.33 3.72 -12.02
N PRO A 81 10.47 4.09 -11.42
CA PRO A 81 11.29 5.29 -11.67
C PRO A 81 12.01 5.34 -13.03
N ASP A 82 12.46 4.18 -13.51
CA ASP A 82 13.16 4.06 -14.79
C ASP A 82 12.34 3.16 -15.71
N GLU A 83 11.97 3.66 -16.88
CA GLU A 83 11.20 2.88 -17.85
C GLU A 83 12.07 1.77 -18.42
N ASN A 84 11.64 0.51 -18.27
CA ASN A 84 12.46 -0.62 -18.72
C ASN A 84 11.62 -1.90 -18.64
N LEU A 85 12.09 -2.92 -19.34
CA LEU A 85 11.35 -4.17 -19.52
C LEU A 85 12.23 -5.37 -19.16
N LEU A 86 11.66 -6.30 -18.39
CA LEU A 86 12.28 -7.57 -18.00
C LEU A 86 11.28 -8.65 -18.34
N VAL A 87 11.70 -9.62 -19.15
CA VAL A 87 10.78 -10.66 -19.58
C VAL A 87 11.58 -11.94 -19.78
N SER A 88 11.02 -13.05 -19.32
CA SER A 88 11.64 -14.36 -19.45
C SER A 88 10.66 -15.31 -20.10
N ASP A 89 11.12 -16.05 -21.10
CA ASP A 89 10.34 -17.13 -21.69
C ASP A 89 10.72 -18.51 -21.14
N GLY A 90 11.39 -18.54 -19.99
CA GLY A 90 11.88 -19.78 -19.42
C GLY A 90 13.26 -20.20 -19.89
N THR A 91 13.68 -19.77 -21.07
CA THR A 91 15.00 -20.05 -21.63
C THR A 91 15.91 -18.83 -21.66
N THR A 92 15.44 -17.71 -22.21
CA THR A 92 16.18 -16.45 -22.22
C THR A 92 15.50 -15.43 -21.32
N LEU A 93 16.31 -14.71 -20.53
CA LEU A 93 15.86 -13.53 -19.80
C LEU A 93 16.37 -12.30 -20.54
N TRP A 94 15.44 -11.47 -21.01
CA TRP A 94 15.78 -10.21 -21.65
C TRP A 94 15.56 -9.07 -20.70
N HIS A 95 16.48 -8.10 -20.75
CA HIS A 95 16.35 -6.84 -20.03
C HIS A 95 16.57 -5.71 -21.03
N PHE A 96 15.49 -5.03 -21.40
CA PHE A 96 15.51 -3.97 -22.41
C PHE A 96 15.36 -2.63 -21.73
N ASP A 97 16.24 -1.69 -22.07
CA ASP A 97 16.20 -0.32 -21.57
C ASP A 97 16.04 0.65 -22.72
N PRO A 98 14.91 1.37 -22.81
CA PRO A 98 14.66 2.21 -23.99
C PRO A 98 15.44 3.50 -24.00
N PHE A 99 15.99 3.95 -22.87
CA PHE A 99 16.78 5.18 -22.90
C PHE A 99 18.13 4.96 -23.54
N VAL A 100 18.84 3.89 -23.15
CA VAL A 100 20.09 3.56 -23.83
C VAL A 100 19.87 2.73 -25.09
N GLU A 101 18.63 2.28 -25.34
CA GLU A 101 18.29 1.44 -26.49
C GLU A 101 19.24 0.24 -26.60
N GLN A 102 19.32 -0.50 -25.48
CA GLN A 102 20.16 -1.68 -25.34
C GLN A 102 19.35 -2.78 -24.68
N VAL A 103 19.51 -4.03 -25.15
CA VAL A 103 18.93 -5.18 -24.47
C VAL A 103 20.05 -6.13 -24.07
N THR A 104 20.05 -6.56 -22.81
CA THR A 104 20.98 -7.56 -22.33
C THR A 104 20.27 -8.91 -22.22
N LEU A 105 20.99 -9.96 -22.62
CA LEU A 105 20.47 -11.32 -22.64
C LEU A 105 21.14 -12.15 -21.55
N TYR A 106 20.34 -12.91 -20.82
CA TYR A 106 20.79 -13.74 -19.72
C TYR A 106 20.20 -15.13 -19.85
N ARG A 107 20.81 -16.09 -19.14
CA ARG A 107 20.22 -17.41 -19.01
C ARG A 107 19.05 -17.33 -18.04
N ALA A 108 17.89 -17.84 -18.45
CA ALA A 108 16.71 -17.75 -17.60
C ALA A 108 16.88 -18.55 -16.32
N GLU A 109 17.65 -19.63 -16.36
CA GLU A 109 17.81 -20.40 -15.14
C GLU A 109 18.68 -19.68 -14.11
N GLU A 110 19.23 -18.52 -14.45
CA GLU A 110 19.88 -17.63 -13.50
C GLU A 110 19.08 -16.36 -13.28
N ALA A 111 17.75 -16.43 -13.44
CA ALA A 111 16.92 -15.23 -13.35
C ALA A 111 17.00 -14.61 -11.95
N LEU A 112 16.96 -15.43 -10.90
CA LEU A 112 17.00 -14.90 -9.55
C LEU A 112 18.22 -14.04 -9.30
N GLU A 113 19.34 -14.38 -9.94
CA GLU A 113 20.54 -13.54 -9.84
C GLU A 113 20.27 -12.12 -10.29
N GLN A 114 19.39 -11.97 -11.27
CA GLN A 114 19.10 -10.67 -11.87
C GLN A 114 17.84 -10.01 -11.32
N THR A 115 16.86 -10.80 -10.83
CA THR A 115 15.65 -10.16 -10.34
C THR A 115 14.92 -11.06 -9.36
N PRO A 116 14.39 -10.52 -8.27
CA PRO A 116 13.61 -11.33 -7.33
C PRO A 116 12.21 -11.64 -7.81
N PHE A 117 11.72 -10.97 -8.86
CA PHE A 117 10.34 -11.14 -9.30
C PHE A 117 10.05 -12.55 -9.78
N VAL A 118 11.08 -13.28 -10.22
CA VAL A 118 10.85 -14.64 -10.68
C VAL A 118 10.25 -15.50 -9.58
N LEU A 119 10.40 -15.10 -8.31
CA LEU A 119 9.82 -15.86 -7.21
C LEU A 119 8.29 -15.91 -7.30
N LEU A 120 7.66 -14.90 -7.92
CA LEU A 120 6.21 -14.99 -8.02
C LEU A 120 5.73 -16.04 -9.02
N THR A 121 6.64 -16.67 -9.78
CA THR A 121 6.26 -17.67 -10.79
C THR A 121 6.33 -19.10 -10.29
N ARG A 122 6.76 -19.33 -9.04
CA ARG A 122 6.95 -20.66 -8.49
C ARG A 122 5.61 -21.27 -8.06
N ASN A 123 5.61 -22.60 -7.88
CA ASN A 123 4.35 -23.19 -7.45
C ASN A 123 4.52 -24.55 -6.76
N LYS A 124 5.70 -24.88 -6.25
CA LYS A 124 5.93 -26.15 -5.55
C LYS A 124 6.89 -25.93 -4.39
N ALA A 125 6.87 -26.88 -3.43
CA ALA A 125 7.61 -26.70 -2.19
C ALA A 125 9.12 -26.70 -2.42
N SER A 126 9.61 -27.52 -3.36
CA SER A 126 11.06 -27.60 -3.57
C SER A 126 11.63 -26.28 -4.07
N ASP A 127 10.78 -25.36 -4.55
CA ASP A 127 11.23 -24.06 -5.01
C ASP A 127 11.69 -23.16 -3.87
N TRP A 128 11.32 -23.46 -2.63
CA TRP A 128 11.74 -22.65 -1.49
C TRP A 128 12.87 -23.31 -0.70
N ASP A 129 13.75 -24.05 -1.38
CA ASP A 129 14.80 -24.79 -0.68
C ASP A 129 15.76 -23.89 0.06
N ALA A 130 16.06 -22.70 -0.48
CA ALA A 130 17.05 -21.83 0.13
C ALA A 130 16.49 -20.98 1.28
N TYR A 131 15.24 -21.17 1.70
CA TYR A 131 14.60 -20.22 2.60
C TYR A 131 14.01 -20.91 3.82
N HIS A 132 14.07 -20.23 4.96
CA HIS A 132 13.13 -20.49 6.04
C HIS A 132 11.87 -19.67 5.75
N VAL A 133 10.70 -20.27 5.94
CA VAL A 133 9.44 -19.62 5.57
C VAL A 133 8.53 -19.55 6.79
N GLU A 134 8.04 -18.35 7.08
CA GLU A 134 7.09 -18.10 8.14
C GLU A 134 5.78 -17.67 7.51
N GLU A 135 4.66 -18.26 7.95
CA GLU A 135 3.33 -17.80 7.58
C GLU A 135 2.64 -17.18 8.79
N LYS A 136 2.16 -15.95 8.62
CA LYS A 136 1.29 -15.29 9.60
C LYS A 136 0.12 -14.76 8.79
N GLY A 137 -0.99 -15.50 8.81
CA GLY A 137 -2.12 -15.16 7.96
C GLY A 137 -1.76 -15.32 6.49
N ASP A 138 -2.00 -14.29 5.71
CA ASP A 138 -1.72 -14.30 4.28
C ASP A 138 -0.30 -13.86 3.95
N VAL A 139 0.50 -13.56 4.96
CA VAL A 139 1.84 -13.00 4.75
C VAL A 139 2.87 -14.11 4.98
N PHE A 140 3.65 -14.42 3.96
CA PHE A 140 4.71 -15.43 4.01
C PHE A 140 6.05 -14.74 3.90
N THR A 141 6.92 -14.96 4.88
CA THR A 141 8.21 -14.29 4.96
C THR A 141 9.32 -15.29 4.69
N LEU A 142 10.11 -15.03 3.65
CA LEU A 142 11.17 -15.92 3.20
C LEU A 142 12.50 -15.38 3.70
N THR A 143 13.20 -16.18 4.49
CA THR A 143 14.49 -15.75 5.02
C THR A 143 15.56 -16.73 4.55
N PRO A 144 16.64 -16.26 3.95
CA PRO A 144 17.75 -17.18 3.66
C PRO A 144 18.31 -17.74 4.96
N THR A 145 18.42 -19.07 5.01
CA THR A 145 18.73 -19.75 6.27
C THR A 145 20.09 -19.36 6.80
N ALA A 146 21.03 -19.04 5.91
CA ALA A 146 22.32 -18.51 6.29
C ALA A 146 22.35 -17.01 6.02
N LEU A 147 23.01 -16.26 6.90
CA LEU A 147 23.00 -14.80 6.84
C LEU A 147 23.87 -14.24 5.73
N ASP A 148 24.68 -15.08 5.06
CA ASP A 148 25.67 -14.57 4.11
C ASP A 148 25.03 -13.90 2.91
N SER A 149 23.78 -14.26 2.58
CA SER A 149 23.18 -13.87 1.31
C SER A 149 23.16 -12.35 1.14
N ASN A 150 23.68 -11.89 0.00
CA ASN A 150 23.58 -10.47 -0.34
C ASN A 150 22.12 -10.03 -0.38
N GLN A 151 21.24 -10.90 -0.89
CA GLN A 151 19.81 -10.68 -0.76
C GLN A 151 19.39 -10.81 0.70
N GLY A 152 18.37 -10.03 1.08
CA GLY A 152 17.82 -10.14 2.41
C GLY A 152 16.58 -11.00 2.41
N ARG A 153 15.51 -10.50 3.02
CA ARG A 153 14.28 -11.27 3.15
C ARG A 153 13.32 -10.91 2.04
N PHE A 154 12.38 -11.83 1.78
CA PHE A 154 11.31 -11.61 0.83
C PHE A 154 9.98 -11.82 1.54
N GLN A 155 8.96 -11.10 1.10
CA GLN A 155 7.64 -11.24 1.68
C GLN A 155 6.61 -11.32 0.56
N ILE A 156 5.80 -12.38 0.56
CA ILE A 156 4.75 -12.58 -0.43
C ILE A 156 3.43 -12.63 0.32
N THR A 157 2.49 -11.78 -0.08
CA THR A 157 1.16 -11.74 0.52
C THR A 157 0.20 -12.30 -0.52
N ILE A 158 -0.47 -13.41 -0.18
CA ILE A 158 -1.31 -14.11 -1.14
C ILE A 158 -2.50 -14.74 -0.41
N SER A 159 -3.69 -14.51 -0.94
CA SER A 159 -4.94 -14.93 -0.31
C SER A 159 -5.05 -16.45 -0.27
N GLU A 160 -5.99 -16.95 0.54
CA GLU A 160 -6.26 -18.39 0.50
C GLU A 160 -6.80 -18.84 -0.86
N LYS A 161 -7.33 -17.93 -1.66
CA LYS A 161 -7.78 -18.31 -3.00
C LYS A 161 -6.67 -18.18 -4.05
N GLY A 162 -5.47 -17.79 -3.65
CA GLY A 162 -4.34 -17.72 -4.55
C GLY A 162 -4.08 -16.38 -5.20
N VAL A 163 -4.69 -15.30 -4.73
CA VAL A 163 -4.53 -13.99 -5.34
C VAL A 163 -3.37 -13.27 -4.65
N VAL A 164 -2.32 -12.98 -5.41
CA VAL A 164 -1.17 -12.28 -4.86
C VAL A 164 -1.55 -10.82 -4.67
N GLN A 165 -1.46 -10.33 -3.42
CA GLN A 165 -1.71 -8.93 -3.13
C GLN A 165 -0.46 -8.06 -3.21
N GLY A 166 0.72 -8.60 -2.89
CA GLY A 166 1.90 -7.76 -2.84
C GLY A 166 3.15 -8.61 -2.68
N PHE A 167 4.29 -7.94 -2.75
CA PHE A 167 5.59 -8.58 -2.71
C PHE A 167 6.57 -7.55 -2.16
N LYS A 168 7.39 -7.92 -1.18
CA LYS A 168 8.36 -6.99 -0.62
C LYS A 168 9.75 -7.60 -0.66
N VAL A 169 10.75 -6.75 -0.91
CA VAL A 169 12.16 -7.09 -0.77
C VAL A 169 12.68 -6.26 0.39
N ILE A 170 13.11 -6.92 1.46
CA ILE A 170 13.51 -6.26 2.70
C ILE A 170 15.02 -6.37 2.84
N GLU A 171 15.68 -5.26 3.15
CA GLU A 171 17.12 -5.29 3.40
C GLU A 171 17.41 -5.49 4.89
N GLN A 172 18.64 -5.90 5.18
CA GLN A 172 19.01 -6.17 6.57
C GLN A 172 18.93 -4.92 7.43
N ASP A 173 19.25 -3.75 6.87
CA ASP A 173 19.22 -2.50 7.61
C ASP A 173 17.82 -1.93 7.80
N GLY A 174 16.79 -2.58 7.26
CA GLY A 174 15.42 -2.17 7.48
C GLY A 174 14.71 -1.57 6.27
N GLN A 175 15.46 -1.13 5.26
CA GLN A 175 14.83 -0.59 4.06
C GLN A 175 13.96 -1.66 3.41
N GLN A 176 12.79 -1.24 2.89
CA GLN A 176 11.84 -2.16 2.27
C GLN A 176 11.40 -1.60 0.93
N SER A 177 11.50 -2.42 -0.11
CA SER A 177 10.92 -2.10 -1.42
C SER A 177 9.61 -2.86 -1.55
N GLU A 178 8.49 -2.14 -1.56
CA GLU A 178 7.17 -2.74 -1.44
C GLU A 178 6.38 -2.59 -2.74
N PHE A 179 5.82 -3.69 -3.23
CA PHE A 179 5.06 -3.74 -4.48
C PHE A 179 3.64 -4.19 -4.18
N THR A 180 2.66 -3.45 -4.66
CA THR A 180 1.24 -3.72 -4.46
C THR A 180 0.58 -3.91 -5.82
N PHE A 181 -0.20 -4.96 -5.97
CA PHE A 181 -0.83 -5.29 -7.24
C PHE A 181 -2.28 -4.82 -7.23
N SER A 182 -2.72 -4.27 -8.36
CA SER A 182 -4.09 -3.82 -8.53
C SER A 182 -4.56 -4.21 -9.93
N LYS A 183 -5.87 -4.08 -10.15
CA LYS A 183 -6.51 -4.48 -11.41
C LYS A 183 -6.05 -5.87 -11.85
N VAL A 184 -6.16 -6.84 -10.95
CA VAL A 184 -5.64 -8.18 -11.19
C VAL A 184 -6.60 -8.95 -12.09
N LYS A 185 -6.06 -9.59 -13.11
CA LYS A 185 -6.76 -10.57 -13.93
C LYS A 185 -6.22 -11.92 -13.52
N GLN A 186 -6.97 -12.67 -12.72
CA GLN A 186 -6.53 -14.00 -12.27
C GLN A 186 -6.60 -15.02 -13.39
N GLN A 187 -5.87 -14.79 -14.48
CA GLN A 187 -5.89 -15.69 -15.63
C GLN A 187 -4.48 -15.79 -16.18
N LYS A 188 -4.15 -16.97 -16.72
CA LYS A 188 -2.83 -17.18 -17.31
C LYS A 188 -2.67 -16.37 -18.58
N PRO A 189 -1.66 -15.51 -18.68
CA PRO A 189 -1.40 -14.83 -19.95
C PRO A 189 -0.99 -15.83 -21.03
N ASN A 190 -1.36 -15.52 -22.27
CA ASN A 190 -0.95 -16.35 -23.38
C ASN A 190 0.56 -16.52 -23.38
N ALA A 191 1.02 -17.70 -23.78
CA ALA A 191 2.46 -17.93 -23.89
C ALA A 191 3.13 -16.91 -24.80
N SER A 192 2.38 -16.31 -25.73
CA SER A 192 2.96 -15.36 -26.68
C SER A 192 3.47 -14.09 -26.01
N VAL A 193 2.92 -13.73 -24.86
CA VAL A 193 3.32 -12.53 -24.13
C VAL A 193 4.80 -12.51 -23.80
N PHE A 194 5.43 -13.68 -23.69
CA PHE A 194 6.81 -13.78 -23.23
C PHE A 194 7.81 -14.05 -24.36
N ASN A 195 7.36 -14.08 -25.61
CA ASN A 195 8.25 -14.33 -26.75
C ASN A 195 8.80 -13.00 -27.28
N TYR A 196 9.70 -12.42 -26.49
CA TYR A 196 10.27 -11.12 -26.82
C TYR A 196 11.06 -11.18 -28.12
N LYS A 197 10.88 -10.16 -28.95
CA LYS A 197 11.67 -9.97 -30.15
C LYS A 197 12.43 -8.65 -30.04
N VAL A 198 13.74 -8.71 -30.23
CA VAL A 198 14.61 -7.54 -30.12
C VAL A 198 14.27 -6.51 -31.20
N PRO A 199 13.93 -5.27 -30.82
CA PRO A 199 13.50 -4.29 -31.83
C PRO A 199 14.67 -3.76 -32.65
N LYS A 200 14.32 -3.26 -33.84
CA LYS A 200 15.32 -2.74 -34.78
C LYS A 200 16.05 -1.54 -34.16
N GLY A 201 17.38 -1.55 -34.26
CA GLY A 201 18.19 -0.45 -33.80
C GLY A 201 18.69 -0.57 -32.37
N VAL A 202 18.27 -1.60 -31.64
CA VAL A 202 18.69 -1.85 -30.27
C VAL A 202 19.98 -2.65 -30.25
N GLU A 203 20.91 -2.25 -29.40
CA GLU A 203 22.17 -2.98 -29.23
C GLU A 203 21.99 -4.16 -28.27
N VAL A 204 22.75 -5.22 -28.50
CA VAL A 204 22.58 -6.50 -27.83
C VAL A 204 23.79 -6.77 -26.96
N ASP A 205 23.60 -6.80 -25.64
CA ASP A 205 24.64 -7.13 -24.67
C ASP A 205 24.43 -8.58 -24.24
N ASP A 206 25.19 -9.50 -24.84
CA ASP A 206 25.01 -10.92 -24.58
C ASP A 206 25.80 -11.33 -23.35
N GLN A 207 25.09 -11.70 -22.29
CA GLN A 207 25.70 -12.18 -21.05
C GLN A 207 25.44 -13.66 -20.81
N ARG A 208 24.92 -14.37 -21.80
CA ARG A 208 24.57 -15.78 -21.65
C ARG A 208 25.81 -16.67 -21.50
N ASN A 209 26.57 -16.44 -20.44
CA ASN A 209 27.76 -17.24 -20.15
C ASN A 209 28.02 -17.19 -18.65
N ALA B 28 -22.87 -8.44 7.94
CA ALA B 28 -22.97 -7.35 6.97
C ALA B 28 -21.65 -6.56 6.92
N PRO B 29 -21.38 -5.89 5.80
CA PRO B 29 -20.15 -5.07 5.72
C PRO B 29 -20.11 -3.93 6.73
N LYS B 30 -21.23 -3.21 6.93
CA LYS B 30 -21.22 -2.10 7.88
C LYS B 30 -20.99 -2.61 9.30
N ASP B 31 -21.56 -3.77 9.62
CA ASP B 31 -21.40 -4.33 10.94
C ASP B 31 -19.98 -4.86 11.14
N THR B 32 -19.40 -5.46 10.09
CA THR B 32 -18.01 -5.91 10.20
C THR B 32 -17.08 -4.73 10.44
N LEU B 33 -17.23 -3.67 9.63
CA LEU B 33 -16.41 -2.48 9.82
C LEU B 33 -16.58 -1.91 11.23
N SER B 34 -17.83 -1.72 11.66
CA SER B 34 -18.06 -1.08 12.94
C SER B 34 -17.52 -1.92 14.09
N GLU B 35 -17.77 -3.23 14.06
CA GLU B 35 -17.30 -4.09 15.14
C GLU B 35 -15.77 -4.11 15.20
N ARG B 36 -15.11 -4.03 14.05
CA ARG B 36 -13.64 -3.97 14.05
C ARG B 36 -13.13 -2.65 14.60
N LEU B 37 -13.78 -1.53 14.25
CA LEU B 37 -13.39 -0.24 14.79
C LEU B 37 -13.66 -0.17 16.28
N ALA B 38 -14.67 -0.91 16.77
CA ALA B 38 -15.03 -0.91 18.18
C ALA B 38 -14.10 -1.75 19.05
N MET B 39 -13.19 -2.53 18.45
CA MET B 39 -12.35 -3.39 19.28
C MET B 39 -11.40 -2.58 20.17
N SER B 40 -11.08 -1.34 19.80
CA SER B 40 -10.24 -0.53 20.67
C SER B 40 -10.84 0.88 20.71
N GLU B 41 -10.76 1.52 21.87
CA GLU B 41 -11.31 2.86 21.97
C GLU B 41 -10.44 3.90 21.28
N GLY B 42 -9.25 3.54 20.83
CA GLY B 42 -8.40 4.50 20.12
C GLY B 42 -7.09 3.85 19.75
N PHE B 43 -6.21 4.66 19.14
CA PHE B 43 -4.88 4.23 18.73
C PHE B 43 -4.04 5.46 18.41
N SER B 44 -2.74 5.23 18.31
CA SER B 44 -1.73 6.18 17.87
C SER B 44 -0.88 5.47 16.82
N ALA B 45 -0.40 6.22 15.83
CA ALA B 45 0.40 5.63 14.77
C ALA B 45 1.13 6.72 14.01
N THR B 46 2.14 6.34 13.25
CA THR B 46 2.68 7.21 12.22
C THR B 46 1.95 6.91 10.90
N PHE B 47 2.00 7.86 9.96
CA PHE B 47 1.46 7.55 8.64
C PHE B 47 2.39 8.01 7.54
N ASN B 48 2.22 7.35 6.40
CA ASN B 48 2.78 7.80 5.13
C ASN B 48 1.62 8.07 4.20
N GLN B 49 1.78 9.05 3.32
CA GLN B 49 0.74 9.44 2.38
C GLN B 49 1.28 9.47 0.96
N GLN B 50 0.44 9.05 0.03
CA GLN B 50 0.77 9.14 -1.39
C GLN B 50 -0.49 9.63 -2.08
N VAL B 51 -0.35 10.65 -2.93
CA VAL B 51 -1.45 11.15 -3.73
C VAL B 51 -1.18 10.80 -5.17
N LEU B 52 -2.17 10.19 -5.83
CA LEU B 52 -2.05 9.77 -7.21
C LEU B 52 -3.05 10.55 -8.05
N SER B 53 -2.59 11.06 -9.19
CA SER B 53 -3.48 11.70 -10.14
C SER B 53 -4.48 10.69 -10.68
N PRO B 54 -5.55 11.16 -11.33
CA PRO B 54 -6.44 10.22 -12.04
C PRO B 54 -5.67 9.32 -13.01
N GLU B 55 -4.57 9.81 -13.57
CA GLU B 55 -3.75 9.02 -14.48
C GLU B 55 -2.92 7.97 -13.74
N GLY B 56 -2.87 8.00 -12.42
CA GLY B 56 -2.01 7.13 -11.65
C GLY B 56 -0.66 7.71 -11.32
N LYS B 57 -0.44 8.98 -11.59
CA LYS B 57 0.86 9.61 -11.39
C LYS B 57 0.96 10.12 -9.95
N VAL B 58 2.09 9.81 -9.29
CA VAL B 58 2.35 10.34 -7.95
C VAL B 58 2.42 11.87 -8.03
N ILE B 59 1.58 12.55 -7.25
CA ILE B 59 1.53 14.01 -7.22
C ILE B 59 2.25 14.52 -5.97
N LEU B 60 2.16 13.75 -4.89
CA LEU B 60 2.67 14.18 -3.60
C LEU B 60 2.99 12.94 -2.77
N THR B 61 4.05 13.03 -1.96
CA THR B 61 4.25 12.05 -0.90
C THR B 61 4.49 12.78 0.42
N GLY B 62 3.94 12.24 1.51
CA GLY B 62 4.00 12.94 2.78
C GLY B 62 4.06 11.98 3.96
N ASN B 63 4.07 12.55 5.15
CA ASN B 63 4.07 11.72 6.34
C ASN B 63 3.66 12.54 7.54
N GLY B 64 3.23 11.83 8.60
CA GLY B 64 3.01 12.50 9.88
C GLY B 64 2.66 11.51 10.97
N LYS B 65 1.83 11.94 11.92
CA LYS B 65 1.43 11.09 13.04
C LYS B 65 -0.01 11.39 13.36
N VAL B 66 -0.66 10.45 14.05
CA VAL B 66 -2.07 10.56 14.35
C VAL B 66 -2.34 10.00 15.73
N ASP B 67 -3.24 10.64 16.45
CA ASP B 67 -3.88 10.09 17.64
C ASP B 67 -5.38 10.15 17.44
N ILE B 68 -6.08 9.10 17.83
CA ILE B 68 -7.50 8.96 17.56
C ILE B 68 -8.12 8.28 18.77
N ALA B 69 -9.16 8.87 19.30
CA ALA B 69 -9.99 8.31 20.36
C ALA B 69 -11.43 8.40 19.91
N ARG B 70 -12.21 7.37 20.22
CA ARG B 70 -13.57 7.24 19.74
C ARG B 70 -14.54 7.46 20.89
N PRO B 71 -15.61 8.25 20.68
CA PRO B 71 -15.89 8.85 19.37
C PRO B 71 -15.27 10.24 19.20
N SER B 72 -15.08 10.62 17.94
CA SER B 72 -14.96 12.00 17.48
C SER B 72 -13.60 12.67 17.67
N LEU B 73 -12.71 12.14 18.52
CA LEU B 73 -11.47 12.83 18.82
C LEU B 73 -10.35 12.36 17.89
N PHE B 74 -9.63 13.32 17.31
CA PHE B 74 -8.56 13.02 16.39
C PHE B 74 -7.56 14.16 16.42
N ARG B 75 -6.28 13.81 16.33
CA ARG B 75 -5.17 14.75 16.29
C ARG B 75 -4.28 14.33 15.13
N TRP B 76 -4.38 15.06 14.03
CA TRP B 76 -3.75 14.71 12.76
C TRP B 76 -2.61 15.69 12.51
N GLU B 77 -1.37 15.22 12.70
CA GLU B 77 -0.17 16.06 12.64
C GLU B 77 0.59 15.76 11.36
N THR B 78 0.64 16.72 10.44
CA THR B 78 1.32 16.51 9.18
C THR B 78 2.73 17.08 9.27
N GLU B 79 3.73 16.24 8.96
CA GLU B 79 5.10 16.67 8.90
C GLU B 79 5.48 17.17 7.51
N THR B 80 5.16 16.41 6.48
CA THR B 80 5.48 16.77 5.10
C THR B 80 4.29 16.47 4.21
N PRO B 81 4.14 17.20 3.08
CA PRO B 81 4.97 18.35 2.68
C PRO B 81 4.58 19.68 3.32
N ASP B 82 3.32 19.81 3.74
CA ASP B 82 2.79 21.02 4.36
C ASP B 82 2.65 20.78 5.87
N GLU B 83 3.62 21.25 6.64
CA GLU B 83 3.57 21.03 8.09
C GLU B 83 2.39 21.79 8.70
N ASN B 84 1.50 21.04 9.36
CA ASN B 84 0.32 21.64 9.98
C ASN B 84 -0.33 20.62 10.91
N LEU B 85 -1.17 21.15 11.80
CA LEU B 85 -1.89 20.37 12.79
C LEU B 85 -3.38 20.59 12.62
N LEU B 86 -4.13 19.51 12.71
CA LEU B 86 -5.59 19.50 12.78
C LEU B 86 -5.94 18.70 14.00
N VAL B 87 -6.78 19.26 14.87
CA VAL B 87 -7.10 18.57 16.11
C VAL B 87 -8.52 18.94 16.54
N SER B 88 -9.30 17.92 16.94
CA SER B 88 -10.65 18.10 17.42
C SER B 88 -10.79 17.52 18.83
N ASP B 89 -11.42 18.27 19.73
CA ASP B 89 -11.85 17.71 21.01
C ASP B 89 -13.32 17.35 21.01
N GLY B 90 -13.93 17.20 19.83
CA GLY B 90 -15.33 16.92 19.74
C GLY B 90 -16.21 18.14 19.79
N THR B 91 -15.67 19.30 20.17
CA THR B 91 -16.42 20.55 20.13
C THR B 91 -15.81 21.56 19.18
N THR B 92 -14.50 21.81 19.27
CA THR B 92 -13.81 22.71 18.34
C THR B 92 -12.89 21.90 17.45
N LEU B 93 -12.85 22.24 16.17
CA LEU B 93 -11.83 21.72 15.27
C LEU B 93 -10.85 22.85 15.00
N TRP B 94 -9.59 22.64 15.38
CA TRP B 94 -8.55 23.65 15.21
C TRP B 94 -7.67 23.29 14.03
N HIS B 95 -7.23 24.30 13.30
CA HIS B 95 -6.27 24.12 12.23
C HIS B 95 -5.11 25.09 12.46
N PHE B 96 -3.94 24.54 12.74
CA PHE B 96 -2.75 25.36 12.98
C PHE B 96 -1.78 25.10 11.85
N ASP B 97 -1.34 26.19 11.21
CA ASP B 97 -0.29 26.12 10.21
C ASP B 97 0.85 26.99 10.66
N PRO B 98 1.99 26.40 11.04
CA PRO B 98 3.10 27.22 11.58
C PRO B 98 3.76 28.10 10.55
N PHE B 99 3.75 27.70 9.28
CA PHE B 99 4.46 28.46 8.25
C PHE B 99 3.84 29.84 8.07
N VAL B 100 2.53 29.94 8.21
CA VAL B 100 1.84 31.21 8.05
C VAL B 100 1.29 31.72 9.38
N GLU B 101 1.70 31.10 10.50
CA GLU B 101 1.45 31.65 11.83
C GLU B 101 -0.04 31.88 12.05
N GLN B 102 -0.83 30.88 11.67
CA GLN B 102 -2.28 31.02 11.64
C GLN B 102 -2.92 29.86 12.41
N VAL B 103 -3.96 30.18 13.15
CA VAL B 103 -4.87 29.20 13.74
C VAL B 103 -6.27 29.55 13.26
N THR B 104 -6.97 28.57 12.72
CA THR B 104 -8.34 28.76 12.26
C THR B 104 -9.26 27.84 13.07
N LEU B 105 -10.38 28.38 13.54
CA LEU B 105 -11.34 27.68 14.41
C LEU B 105 -12.58 27.27 13.64
N TYR B 106 -13.02 26.03 13.85
CA TYR B 106 -14.22 25.48 13.21
C TYR B 106 -15.04 24.72 14.25
N ARG B 107 -16.32 24.57 13.95
CA ARG B 107 -17.17 23.71 14.77
C ARG B 107 -16.81 22.25 14.51
N ALA B 108 -16.53 21.50 15.58
CA ALA B 108 -16.30 20.07 15.39
C ALA B 108 -17.51 19.38 14.80
N GLU B 109 -18.68 20.00 14.92
CA GLU B 109 -19.89 19.49 14.29
C GLU B 109 -19.75 19.40 12.78
N GLU B 110 -18.89 20.26 12.20
CA GLU B 110 -18.70 20.37 10.77
C GLU B 110 -17.35 19.81 10.31
N ALA B 111 -16.80 18.85 11.06
CA ALA B 111 -15.48 18.30 10.75
C ALA B 111 -15.44 17.67 9.37
N LEU B 112 -16.41 16.80 9.07
CA LEU B 112 -16.38 16.07 7.81
C LEU B 112 -16.40 17.01 6.61
N GLU B 113 -17.06 18.17 6.74
CA GLU B 113 -17.02 19.17 5.68
C GLU B 113 -15.60 19.64 5.39
N GLN B 114 -14.77 19.75 6.43
CA GLN B 114 -13.43 20.30 6.32
C GLN B 114 -12.38 19.24 6.07
N THR B 115 -12.50 18.09 6.73
CA THR B 115 -11.52 17.02 6.69
C THR B 115 -12.25 15.68 6.78
N PRO B 116 -11.75 14.65 6.10
CA PRO B 116 -12.39 13.33 6.19
C PRO B 116 -11.79 12.40 7.23
N PHE B 117 -10.71 12.81 7.92
CA PHE B 117 -10.07 11.92 8.89
C PHE B 117 -10.99 11.57 10.04
N VAL B 118 -12.00 12.40 10.32
CA VAL B 118 -12.92 12.13 11.42
C VAL B 118 -13.64 10.80 11.24
N LEU B 119 -13.68 10.26 10.01
CA LEU B 119 -14.30 8.95 9.82
C LEU B 119 -13.58 7.86 10.60
N LEU B 120 -12.27 7.99 10.80
CA LEU B 120 -11.58 6.95 11.53
C LEU B 120 -11.94 6.91 13.00
N THR B 121 -12.67 7.90 13.50
CA THR B 121 -13.07 7.95 14.91
C THR B 121 -14.47 7.39 15.13
N ARG B 122 -15.15 6.93 14.08
CA ARG B 122 -16.46 6.29 14.21
C ARG B 122 -16.31 4.88 14.77
N ASN B 123 -17.39 4.38 15.38
CA ASN B 123 -17.32 3.03 15.94
C ASN B 123 -18.66 2.27 15.92
N LYS B 124 -19.71 2.79 15.30
CA LYS B 124 -20.99 2.11 15.30
C LYS B 124 -21.63 2.24 13.93
N ALA B 125 -22.52 1.29 13.62
CA ALA B 125 -23.05 1.16 12.27
C ALA B 125 -23.89 2.37 11.88
N SER B 126 -24.57 3.00 12.83
CA SER B 126 -25.37 4.18 12.50
C SER B 126 -24.51 5.36 12.04
N ASP B 127 -23.19 5.33 12.29
CA ASP B 127 -22.30 6.38 11.80
C ASP B 127 -22.11 6.35 10.29
N TRP B 128 -22.56 5.29 9.62
CA TRP B 128 -22.31 5.11 8.20
C TRP B 128 -23.58 5.28 7.36
N ASP B 129 -24.57 6.02 7.89
CA ASP B 129 -25.85 6.18 7.20
C ASP B 129 -25.71 6.81 5.82
N ALA B 130 -24.73 7.69 5.64
CA ALA B 130 -24.55 8.40 4.38
C ALA B 130 -23.95 7.53 3.27
N TYR B 131 -23.56 6.30 3.56
CA TYR B 131 -22.76 5.52 2.62
C TYR B 131 -23.37 4.15 2.37
N HIS B 132 -23.07 3.61 1.20
CA HIS B 132 -23.15 2.19 0.97
C HIS B 132 -21.76 1.59 1.23
N VAL B 133 -21.72 0.47 1.96
CA VAL B 133 -20.46 -0.15 2.36
C VAL B 133 -20.29 -1.48 1.64
N GLU B 134 -19.06 -1.78 1.24
CA GLU B 134 -18.71 -3.04 0.61
C GLU B 134 -17.42 -3.53 1.22
N GLU B 135 -17.30 -4.84 1.41
CA GLU B 135 -16.10 -5.40 2.02
C GLU B 135 -15.42 -6.38 1.06
N LYS B 136 -14.10 -6.29 0.98
CA LYS B 136 -13.28 -7.30 0.33
C LYS B 136 -12.07 -7.55 1.24
N GLY B 137 -12.14 -8.61 2.03
CA GLY B 137 -11.06 -8.87 2.96
C GLY B 137 -11.05 -7.80 4.03
N ASP B 138 -9.89 -7.22 4.27
CA ASP B 138 -9.79 -6.15 5.24
C ASP B 138 -10.12 -4.78 4.66
N VAL B 139 -10.52 -4.68 3.39
CA VAL B 139 -10.71 -3.41 2.70
C VAL B 139 -12.19 -3.09 2.63
N PHE B 140 -12.59 -1.97 3.22
CA PHE B 140 -13.97 -1.52 3.25
C PHE B 140 -14.12 -0.24 2.43
N THR B 141 -15.00 -0.27 1.45
CA THR B 141 -15.26 0.88 0.58
C THR B 141 -16.60 1.50 0.94
N LEU B 142 -16.60 2.81 1.20
CA LEU B 142 -17.81 3.53 1.57
C LEU B 142 -18.17 4.50 0.45
N THR B 143 -19.32 4.27 -0.18
CA THR B 143 -19.76 5.06 -1.33
C THR B 143 -20.98 5.88 -0.94
N PRO B 144 -21.01 7.18 -1.26
CA PRO B 144 -22.16 8.00 -0.86
C PRO B 144 -23.46 7.50 -1.48
N THR B 145 -24.53 7.55 -0.70
CA THR B 145 -25.79 6.95 -1.10
C THR B 145 -26.44 7.71 -2.25
N ALA B 146 -26.53 9.03 -2.13
CA ALA B 146 -27.08 9.84 -3.19
C ALA B 146 -26.12 9.90 -4.38
N LEU B 147 -26.67 10.21 -5.55
CA LEU B 147 -25.88 10.36 -6.76
C LEU B 147 -25.57 11.82 -7.08
N ASP B 148 -26.36 12.75 -6.55
CA ASP B 148 -26.08 14.18 -6.62
C ASP B 148 -24.75 14.54 -5.97
N SER B 149 -24.07 13.59 -5.33
CA SER B 149 -22.89 13.87 -4.53
C SER B 149 -21.77 14.45 -5.38
N ASN B 150 -21.14 15.50 -4.84
CA ASN B 150 -19.81 15.89 -5.29
C ASN B 150 -18.72 15.17 -4.50
N GLN B 151 -19.06 14.71 -3.29
CA GLN B 151 -18.14 13.94 -2.47
C GLN B 151 -17.67 12.69 -3.20
N GLY B 152 -16.48 12.21 -2.81
CA GLY B 152 -15.94 10.98 -3.34
C GLY B 152 -16.08 9.83 -2.35
N ARG B 153 -15.54 8.69 -2.76
CA ARG B 153 -15.60 7.49 -1.94
C ARG B 153 -14.43 7.44 -0.97
N PHE B 154 -14.57 6.58 0.04
CA PHE B 154 -13.53 6.38 1.05
C PHE B 154 -13.25 4.90 1.18
N GLN B 155 -12.06 4.58 1.66
CA GLN B 155 -11.72 3.20 1.92
C GLN B 155 -10.99 3.12 3.25
N ILE B 156 -11.37 2.17 4.09
CA ILE B 156 -10.73 1.92 5.38
C ILE B 156 -10.25 0.47 5.38
N THR B 157 -8.97 0.27 5.64
CA THR B 157 -8.38 -1.07 5.74
C THR B 157 -8.09 -1.35 7.20
N ILE B 158 -8.78 -2.35 7.77
CA ILE B 158 -8.72 -2.64 9.20
C ILE B 158 -8.79 -4.14 9.40
N SER B 159 -7.88 -4.66 10.24
CA SER B 159 -7.71 -6.09 10.43
C SER B 159 -8.84 -6.69 11.24
N GLU B 160 -8.93 -8.02 11.23
CA GLU B 160 -9.94 -8.68 12.07
C GLU B 160 -9.72 -8.38 13.54
N LYS B 161 -8.47 -8.08 13.95
CA LYS B 161 -8.23 -7.70 15.34
C LYS B 161 -8.54 -6.25 15.64
N GLY B 162 -8.98 -5.47 14.65
CA GLY B 162 -9.33 -4.07 14.83
C GLY B 162 -8.24 -3.06 14.57
N VAL B 163 -7.11 -3.48 13.99
CA VAL B 163 -5.97 -2.59 13.76
C VAL B 163 -6.21 -1.89 12.43
N VAL B 164 -6.19 -0.57 12.44
CA VAL B 164 -6.41 0.20 11.20
C VAL B 164 -5.10 0.24 10.42
N GLN B 165 -5.14 -0.26 9.18
CA GLN B 165 -3.94 -0.31 8.36
C GLN B 165 -3.82 0.83 7.36
N GLY B 166 -4.95 1.38 6.92
CA GLY B 166 -4.91 2.42 5.90
C GLY B 166 -6.23 3.13 5.77
N PHE B 167 -6.18 4.26 5.08
CA PHE B 167 -7.35 5.09 4.80
C PHE B 167 -7.11 5.76 3.44
N LYS B 168 -8.11 5.75 2.57
CA LYS B 168 -7.95 6.36 1.26
C LYS B 168 -9.15 7.26 0.95
N VAL B 169 -8.86 8.40 0.32
CA VAL B 169 -9.88 9.35 -0.13
C VAL B 169 -9.79 9.39 -1.64
N ILE B 170 -10.87 8.99 -2.30
CA ILE B 170 -10.91 8.92 -3.77
C ILE B 170 -11.92 9.96 -4.24
N GLU B 171 -11.44 10.90 -5.04
CA GLU B 171 -12.30 11.92 -5.65
C GLU B 171 -13.12 11.30 -6.77
N GLN B 172 -14.18 12.01 -7.16
CA GLN B 172 -15.04 11.51 -8.23
C GLN B 172 -14.26 11.35 -9.54
N ASP B 173 -13.25 12.18 -9.77
CA ASP B 173 -12.48 12.12 -11.00
C ASP B 173 -11.34 11.10 -10.95
N GLY B 174 -11.24 10.31 -9.87
CA GLY B 174 -10.28 9.23 -9.80
C GLY B 174 -9.01 9.54 -9.02
N GLN B 175 -8.78 10.78 -8.65
CA GLN B 175 -7.60 11.12 -7.87
C GLN B 175 -7.72 10.56 -6.46
N GLN B 176 -6.68 9.90 -5.99
CA GLN B 176 -6.78 9.26 -4.68
C GLN B 176 -5.60 9.60 -3.80
N SER B 177 -5.92 9.92 -2.54
N SER B 177 -5.92 9.89 -2.53
CA SER B 177 -4.94 10.16 -1.49
CA SER B 177 -4.96 10.17 -1.49
C SER B 177 -4.97 8.94 -0.58
C SER B 177 -4.97 8.97 -0.54
N GLU B 178 -3.81 8.33 -0.37
CA GLU B 178 -3.71 7.07 0.33
C GLU B 178 -2.83 7.22 1.57
N PHE B 179 -3.35 6.73 2.70
CA PHE B 179 -2.67 6.83 3.99
C PHE B 179 -2.46 5.42 4.53
N THR B 180 -1.23 5.14 4.95
CA THR B 180 -0.86 3.84 5.50
C THR B 180 -0.28 4.09 6.88
N PHE B 181 -0.71 3.27 7.85
CA PHE B 181 -0.33 3.44 9.23
C PHE B 181 0.65 2.36 9.65
N SER B 182 1.63 2.77 10.45
CA SER B 182 2.66 1.88 10.95
C SER B 182 2.93 2.26 12.39
N LYS B 183 3.66 1.39 13.08
CA LYS B 183 4.03 1.63 14.47
C LYS B 183 2.79 1.89 15.31
N VAL B 184 1.77 1.06 15.09
CA VAL B 184 0.47 1.28 15.72
C VAL B 184 0.58 0.95 17.20
N LYS B 185 0.12 1.86 18.03
CA LYS B 185 -0.02 1.64 19.47
C LYS B 185 -1.51 1.54 19.71
N GLN B 186 -1.99 0.33 20.00
CA GLN B 186 -3.42 0.04 20.03
C GLN B 186 -4.01 0.32 21.42
N GLN B 187 -3.92 1.58 21.81
CA GLN B 187 -4.35 2.07 23.13
C GLN B 187 -4.99 3.44 22.95
N LYS B 188 -6.04 3.72 23.70
CA LYS B 188 -6.71 5.02 23.60
C LYS B 188 -5.79 6.15 24.06
N PRO B 189 -5.53 7.15 23.23
CA PRO B 189 -4.77 8.31 23.71
C PRO B 189 -5.51 9.03 24.83
N ASN B 190 -4.73 9.64 25.73
CA ASN B 190 -5.30 10.43 26.82
C ASN B 190 -6.14 11.58 26.28
N ALA B 191 -7.23 11.89 26.98
CA ALA B 191 -8.05 13.04 26.59
C ALA B 191 -7.24 14.33 26.44
N SER B 192 -6.13 14.45 27.20
CA SER B 192 -5.33 15.67 27.15
C SER B 192 -4.82 15.97 25.73
N VAL B 193 -4.59 14.93 24.91
CA VAL B 193 -3.92 15.14 23.64
C VAL B 193 -4.77 15.98 22.68
N PHE B 194 -6.07 16.06 22.92
CA PHE B 194 -6.99 16.75 22.03
C PHE B 194 -7.40 18.13 22.54
N ASN B 195 -6.88 18.56 23.68
CA ASN B 195 -7.25 19.84 24.27
C ASN B 195 -6.26 20.94 23.85
N TYR B 196 -6.38 21.29 22.57
CA TYR B 196 -5.47 22.25 21.95
C TYR B 196 -5.57 23.64 22.58
N LYS B 197 -4.42 24.25 22.85
CA LYS B 197 -4.35 25.63 23.31
C LYS B 197 -3.76 26.52 22.22
N VAL B 198 -4.42 27.64 21.96
CA VAL B 198 -3.87 28.57 20.94
C VAL B 198 -2.56 29.13 21.44
N PRO B 199 -1.48 29.07 20.66
CA PRO B 199 -0.18 29.52 21.13
C PRO B 199 0.05 31.01 20.90
N LYS B 200 1.08 31.53 21.57
CA LYS B 200 1.54 32.88 21.28
C LYS B 200 2.00 32.97 19.83
N GLY B 201 2.00 34.20 19.30
CA GLY B 201 2.61 34.45 18.00
C GLY B 201 1.84 33.97 16.79
N VAL B 202 0.52 33.83 16.89
CA VAL B 202 -0.31 33.45 15.75
C VAL B 202 -1.50 34.38 15.64
N GLU B 203 -1.95 34.60 14.40
CA GLU B 203 -3.28 35.15 14.17
C GLU B 203 -4.32 34.05 14.33
N VAL B 204 -5.53 34.44 14.74
CA VAL B 204 -6.63 33.51 14.96
C VAL B 204 -7.78 33.95 14.05
N ASP B 205 -8.24 33.04 13.18
CA ASP B 205 -9.38 33.26 12.31
C ASP B 205 -10.53 32.38 12.79
N ASP B 206 -11.60 33.00 13.29
CA ASP B 206 -12.77 32.25 13.78
C ASP B 206 -13.71 31.96 12.62
N GLN B 207 -13.84 30.68 12.25
CA GLN B 207 -14.75 30.24 11.20
C GLN B 207 -15.91 29.41 11.75
N ARG B 208 -16.23 29.58 13.02
CA ARG B 208 -17.34 28.86 13.63
C ARG B 208 -18.70 29.40 13.20
N ASN B 209 -18.77 30.66 12.77
CA ASN B 209 -20.00 31.21 12.23
C ASN B 209 -19.90 31.37 10.73
#